data_7T70
#
_entry.id   7T70
#
_cell.length_a   67.417
_cell.length_b   99.728
_cell.length_c   101.788
_cell.angle_alpha   90.000
_cell.angle_beta   90.000
_cell.angle_gamma   90.000
#
_symmetry.space_group_name_H-M   'P 21 21 21'
#
loop_
_entity.id
_entity.type
_entity.pdbx_description
1 polymer '3C-like proteinase'
2 polymer 'Nonstructural protein 4/5'
3 non-polymer GLYCEROL
4 non-polymer 'DIMETHYL SULFOXIDE'
5 water water
#
loop_
_entity_poly.entity_id
_entity_poly.type
_entity_poly.pdbx_seq_one_letter_code
_entity_poly.pdbx_strand_id
1 'polypeptide(L)'
;SGFRKMAFPSGKVEGCMVQVTCGTTTLNGLWLDDVVYCPRHVICTSEDMLNPNYEDLLIRKSNHNFLVQAGNVQLRVIGH
SMQNCVLKLKVDTANPKTPKYKFVRIQPGQTFSVLACYNGSPSGVYQCAMRPNFTIKGSFLNGSAGSVGFNIDYDCVSFC
YMHHMELPTGVHAGTDLEGNFYGPFVDRQTAQAAGTDTTITVNVLAWLYAAVINGDRWFLNRFTTTLNDFNLVAMKYNYE
PLTQDHVDILGPLSAQTGIAVLDMCASLKELLQNGMNGRTILGSALLEDEFTPFDVVRQCSGVTFQ
;
A,B
2 'polypeptide(L)' TSAVLQSGFRKM C,D
#
# COMPACT_ATOMS: atom_id res chain seq x y z
N SER A 1 3.54 3.42 -16.99
CA SER A 1 2.50 2.39 -17.07
C SER A 1 2.39 1.63 -15.76
N GLY A 2 1.42 0.73 -15.70
CA GLY A 2 1.18 -0.03 -14.48
C GLY A 2 0.19 0.64 -13.56
N PHE A 3 -0.51 -0.18 -12.78
CA PHE A 3 -1.52 0.32 -11.85
C PHE A 3 -1.42 -0.47 -10.55
N ARG A 4 -1.26 0.24 -9.44
CA ARG A 4 -1.06 -0.38 -8.14
C ARG A 4 -1.99 0.26 -7.11
N LYS A 5 -2.35 -0.53 -6.10
CA LYS A 5 -3.15 -0.03 -4.97
C LYS A 5 -2.23 0.83 -4.11
N MET A 6 -2.11 2.10 -4.51
CA MET A 6 -1.15 3.02 -3.92
C MET A 6 -1.74 3.72 -2.70
N ALA A 7 -1.00 3.69 -1.60
CA ALA A 7 -1.31 4.47 -0.41
C ALA A 7 -0.47 5.73 -0.40
N PHE A 8 -0.90 6.71 0.39
CA PHE A 8 -0.13 7.92 0.52
C PHE A 8 1.10 7.68 1.41
N PRO A 9 2.18 8.42 1.18
CA PRO A 9 3.33 8.33 2.09
C PRO A 9 2.91 8.68 3.51
N SER A 10 3.23 7.78 4.44
CA SER A 10 2.68 7.80 5.79
C SER A 10 3.48 8.63 6.78
N GLY A 11 4.54 9.29 6.32
CA GLY A 11 5.45 9.96 7.26
C GLY A 11 4.77 11.04 8.09
N LYS A 12 3.93 11.86 7.46
CA LYS A 12 3.29 12.95 8.19
C LYS A 12 2.35 12.43 9.27
N VAL A 13 1.81 11.23 9.12
CA VAL A 13 0.96 10.65 10.14
C VAL A 13 1.77 9.92 11.20
N GLU A 14 2.89 9.30 10.82
CA GLU A 14 3.74 8.60 11.78
C GLU A 14 4.16 9.53 12.92
N GLY A 15 4.50 10.78 12.59
CA GLY A 15 4.93 11.73 13.59
C GLY A 15 3.87 12.19 14.56
N CYS A 16 2.64 11.71 14.42
CA CYS A 16 1.56 12.08 15.30
C CYS A 16 1.05 10.92 16.14
N MET A 17 1.58 9.72 15.94
CA MET A 17 1.06 8.53 16.62
C MET A 17 1.70 8.37 17.99
N VAL A 18 0.86 8.23 19.01
CA VAL A 18 1.32 8.04 20.38
C VAL A 18 0.53 6.89 20.99
N GLN A 19 0.98 6.45 22.15
CA GLN A 19 0.32 5.37 22.89
C GLN A 19 -0.45 5.98 24.06
N VAL A 20 -1.75 5.71 24.13
CA VAL A 20 -2.60 6.18 25.22
C VAL A 20 -3.00 4.97 26.05
N THR A 21 -2.70 5.02 27.35
CA THR A 21 -3.03 3.94 28.26
C THR A 21 -3.81 4.49 29.43
N CYS A 22 -4.96 3.86 29.72
CA CYS A 22 -5.79 4.19 30.86
C CYS A 22 -6.00 2.92 31.66
N GLY A 23 -5.48 2.88 32.89
CA GLY A 23 -5.53 1.67 33.67
C GLY A 23 -4.73 0.58 32.99
N THR A 24 -5.41 -0.50 32.61
CA THR A 24 -4.77 -1.60 31.88
C THR A 24 -5.10 -1.58 30.39
N THR A 25 -5.99 -0.69 29.95
CA THR A 25 -6.40 -0.60 28.56
C THR A 25 -5.48 0.35 27.81
N THR A 26 -5.00 -0.09 26.64
CA THR A 26 -4.11 0.71 25.83
C THR A 26 -4.53 0.67 24.37
N LEU A 27 -4.29 1.78 23.67
CA LEU A 27 -4.55 1.88 22.24
C LEU A 27 -3.67 3.00 21.69
N ASN A 28 -3.95 3.41 20.45
CA ASN A 28 -3.17 4.44 19.78
C ASN A 28 -3.86 5.80 19.88
N GLY A 29 -3.05 6.85 19.87
CA GLY A 29 -3.57 8.19 19.89
C GLY A 29 -2.99 9.01 18.74
N LEU A 30 -3.71 10.06 18.37
CA LEU A 30 -3.30 10.97 17.32
C LEU A 30 -2.96 12.31 17.95
N TRP A 31 -1.68 12.68 17.89
CA TRP A 31 -1.15 13.85 18.59
C TRP A 31 -1.02 15.00 17.59
N LEU A 32 -1.98 15.92 17.62
CA LEU A 32 -1.98 17.10 16.77
C LEU A 32 -2.03 18.34 17.65
N ASP A 33 -1.07 19.24 17.45
CA ASP A 33 -0.91 20.44 18.28
C ASP A 33 -0.79 19.96 19.73
N ASP A 34 -1.52 20.54 20.68
CA ASP A 34 -1.46 20.12 22.07
C ASP A 34 -2.61 19.20 22.46
N VAL A 35 -3.24 18.53 21.48
CA VAL A 35 -4.37 17.64 21.72
C VAL A 35 -4.01 16.26 21.21
N VAL A 36 -4.44 15.23 21.95
CA VAL A 36 -4.28 13.84 21.55
C VAL A 36 -5.67 13.24 21.40
N TYR A 37 -5.98 12.78 20.18
CA TYR A 37 -7.27 12.17 19.87
C TYR A 37 -7.14 10.65 19.92
N CYS A 38 -8.06 9.98 20.60
CA CYS A 38 -8.04 8.54 20.72
C CYS A 38 -9.48 8.05 20.89
N PRO A 39 -9.74 6.77 20.63
CA PRO A 39 -11.08 6.25 20.89
C PRO A 39 -11.42 6.28 22.37
N ARG A 40 -12.65 6.68 22.68
CA ARG A 40 -13.03 6.91 24.07
C ARG A 40 -13.11 5.61 24.87
N HIS A 41 -13.21 4.45 24.21
CA HIS A 41 -13.32 3.23 25.01
C HIS A 41 -11.98 2.81 25.65
N VAL A 42 -10.96 3.66 25.58
CA VAL A 42 -9.74 3.43 26.37
C VAL A 42 -10.01 3.55 27.86
N ILE A 43 -11.12 4.21 28.25
CA ILE A 43 -11.43 4.39 29.67
C ILE A 43 -12.25 3.25 30.24
N CYS A 44 -12.67 2.28 29.43
CA CYS A 44 -13.34 1.09 29.92
C CYS A 44 -12.32 0.04 30.34
N THR A 45 -12.65 -0.71 31.39
CA THR A 45 -11.86 -1.88 31.74
C THR A 45 -12.47 -3.11 31.07
N SER A 46 -12.31 -4.28 31.69
CA SER A 46 -12.78 -5.51 31.06
C SER A 46 -14.30 -5.60 31.06
N GLU A 47 -14.94 -5.27 32.19
CA GLU A 47 -16.38 -5.46 32.35
C GLU A 47 -17.15 -4.15 32.24
N ASP A 48 -16.62 -3.17 31.52
CA ASP A 48 -17.36 -1.95 31.20
C ASP A 48 -17.35 -1.71 29.70
N MET A 49 -17.42 -2.79 28.91
CA MET A 49 -17.45 -2.67 27.46
C MET A 49 -18.73 -3.15 26.82
N LEU A 50 -19.66 -3.73 27.59
CA LEU A 50 -20.95 -4.14 27.02
C LEU A 50 -21.91 -2.96 26.95
N ASN A 51 -22.17 -2.32 28.09
CA ASN A 51 -23.08 -1.17 28.17
C ASN A 51 -22.41 -0.08 29.00
N PRO A 52 -21.33 0.52 28.49
CA PRO A 52 -20.65 1.56 29.26
C PRO A 52 -21.39 2.88 29.20
N ASN A 53 -21.27 3.63 30.29
CA ASN A 53 -21.77 5.00 30.37
C ASN A 53 -20.55 5.91 30.30
N TYR A 54 -20.21 6.34 29.08
CA TYR A 54 -18.94 7.03 28.85
C TYR A 54 -18.89 8.36 29.58
N GLU A 55 -19.97 9.13 29.56
CA GLU A 55 -20.00 10.38 30.31
C GLU A 55 -19.72 10.12 31.78
N ASP A 56 -20.30 9.06 32.34
CA ASP A 56 -20.07 8.72 33.74
C ASP A 56 -18.64 8.24 33.97
N LEU A 57 -18.12 7.40 33.07
CA LEU A 57 -16.77 6.88 33.24
C LEU A 57 -15.73 8.00 33.14
N LEU A 58 -15.95 8.96 32.24
CA LEU A 58 -14.99 10.04 32.09
C LEU A 58 -14.99 10.97 33.30
N ILE A 59 -16.16 11.19 33.90
CA ILE A 59 -16.24 12.04 35.09
C ILE A 59 -15.41 11.46 36.22
N ARG A 60 -15.36 10.13 36.33
CA ARG A 60 -14.57 9.49 37.36
C ARG A 60 -13.07 9.52 37.06
N LYS A 61 -12.67 9.99 35.89
CA LYS A 61 -11.27 9.97 35.47
C LYS A 61 -10.59 11.29 35.78
N SER A 62 -9.32 11.22 36.16
CA SER A 62 -8.49 12.39 36.37
C SER A 62 -7.39 12.44 35.32
N ASN A 63 -6.76 13.60 35.22
CA ASN A 63 -5.71 13.79 34.20
C ASN A 63 -4.58 12.78 34.36
N HIS A 64 -4.19 12.48 35.61
CA HIS A 64 -3.10 11.56 35.85
C HIS A 64 -3.47 10.11 35.56
N ASN A 65 -4.74 9.83 35.26
CA ASN A 65 -5.15 8.48 34.90
C ASN A 65 -4.83 8.13 33.45
N PHE A 66 -4.34 9.08 32.66
CA PHE A 66 -4.04 8.87 31.24
C PHE A 66 -2.53 8.90 31.06
N LEU A 67 -1.96 7.75 30.70
CA LEU A 67 -0.53 7.63 30.40
C LEU A 67 -0.34 7.77 28.89
N VAL A 68 0.21 8.89 28.46
CA VAL A 68 0.44 9.18 27.04
C VAL A 68 1.94 9.19 26.79
N GLN A 69 2.38 8.36 25.85
CA GLN A 69 3.80 8.20 25.56
C GLN A 69 4.04 8.44 24.07
N ALA A 70 4.86 9.44 23.76
CA ALA A 70 5.33 9.70 22.40
C ALA A 70 6.76 9.17 22.34
N GLY A 71 6.91 7.92 21.91
CA GLY A 71 8.19 7.27 21.95
C GLY A 71 8.62 7.00 23.38
N ASN A 72 9.76 7.56 23.79
CA ASN A 72 10.28 7.38 25.14
C ASN A 72 9.99 8.57 26.05
N VAL A 73 9.16 9.51 25.61
CA VAL A 73 8.83 10.70 26.38
C VAL A 73 7.38 10.60 26.82
N GLN A 74 7.16 10.73 28.14
CA GLN A 74 5.81 10.69 28.69
C GLN A 74 5.19 12.07 28.60
N LEU A 75 4.05 12.18 27.94
CA LEU A 75 3.36 13.46 27.77
C LEU A 75 2.47 13.73 28.97
N ARG A 76 2.52 14.98 29.45
CA ARG A 76 1.77 15.39 30.63
C ARG A 76 0.38 15.85 30.22
N VAL A 77 -0.64 15.12 30.67
CA VAL A 77 -2.03 15.46 30.34
C VAL A 77 -2.52 16.52 31.32
N ILE A 78 -3.04 17.62 30.79
CA ILE A 78 -3.54 18.73 31.58
C ILE A 78 -5.03 18.96 31.41
N GLY A 79 -5.72 18.11 30.66
CA GLY A 79 -7.14 18.26 30.47
C GLY A 79 -7.66 17.14 29.61
N HIS A 80 -8.96 16.87 29.75
CA HIS A 80 -9.60 15.82 28.98
C HIS A 80 -11.06 16.19 28.74
N SER A 81 -11.53 15.89 27.53
CA SER A 81 -12.92 16.08 27.17
C SER A 81 -13.31 15.01 26.17
N MET A 82 -14.60 14.88 25.93
CA MET A 82 -15.14 13.87 25.04
C MET A 82 -16.03 14.53 24.00
N GLN A 83 -15.81 14.19 22.73
CA GLN A 83 -16.67 14.65 21.63
C GLN A 83 -17.14 13.39 20.88
N ASN A 84 -18.39 13.01 21.11
CA ASN A 84 -18.98 11.79 20.54
C ASN A 84 -18.13 10.61 21.01
N CYS A 85 -17.65 9.75 20.12
CA CYS A 85 -16.93 8.54 20.52
C CYS A 85 -15.42 8.73 20.55
N VAL A 86 -14.93 9.95 20.42
CA VAL A 86 -13.49 10.22 20.46
C VAL A 86 -13.15 10.94 21.75
N LEU A 87 -11.99 10.62 22.31
CA LEU A 87 -11.49 11.26 23.52
C LEU A 87 -10.42 12.28 23.15
N LYS A 88 -10.47 13.43 23.81
CA LYS A 88 -9.52 14.52 23.56
C LYS A 88 -8.74 14.78 24.83
N LEU A 89 -7.44 14.53 24.81
CA LEU A 89 -6.56 14.72 25.95
C LEU A 89 -5.64 15.89 25.67
N LYS A 90 -5.77 16.95 26.47
CA LYS A 90 -4.90 18.12 26.35
C LYS A 90 -3.58 17.84 27.03
N VAL A 91 -2.49 17.98 26.28
CA VAL A 91 -1.14 17.84 26.82
C VAL A 91 -0.50 19.22 26.90
N ASP A 92 0.60 19.31 27.63
CA ASP A 92 1.28 20.58 27.85
C ASP A 92 2.29 20.90 26.75
N THR A 93 2.40 20.06 25.72
CA THR A 93 3.38 20.24 24.67
C THR A 93 2.70 20.07 23.31
N ALA A 94 2.93 21.02 22.42
CA ALA A 94 2.47 20.89 21.03
C ALA A 94 3.41 19.99 20.26
N ASN A 95 2.84 19.06 19.51
CA ASN A 95 3.64 18.12 18.73
C ASN A 95 4.45 18.89 17.69
N PRO A 96 5.78 18.87 17.76
CA PRO A 96 6.58 19.58 16.75
C PRO A 96 6.48 18.98 15.36
N LYS A 97 6.10 17.70 15.26
CA LYS A 97 5.92 17.06 13.97
C LYS A 97 4.51 17.22 13.42
N THR A 98 3.70 18.09 14.01
CA THR A 98 2.34 18.31 13.55
C THR A 98 2.35 18.81 12.10
N PRO A 99 1.75 18.09 11.17
CA PRO A 99 1.67 18.57 9.80
C PRO A 99 0.47 19.49 9.61
N LYS A 100 0.47 20.18 8.48
CA LYS A 100 -0.72 20.89 8.05
C LYS A 100 -1.83 19.87 7.79
N TYR A 101 -2.92 19.96 8.52
CA TYR A 101 -3.90 18.87 8.54
C TYR A 101 -5.31 19.42 8.48
N LYS A 102 -6.26 18.50 8.42
CA LYS A 102 -7.67 18.79 8.25
C LYS A 102 -8.48 17.59 8.70
N PHE A 103 -9.68 17.86 9.21
CA PHE A 103 -10.63 16.81 9.56
C PHE A 103 -11.76 16.82 8.54
N VAL A 104 -11.99 15.68 7.90
CA VAL A 104 -13.05 15.54 6.91
C VAL A 104 -13.83 14.27 7.18
N ARG A 105 -15.12 14.29 6.81
CA ARG A 105 -15.97 13.12 6.82
C ARG A 105 -16.21 12.70 5.38
N ILE A 106 -16.08 11.40 5.10
CA ILE A 106 -16.15 10.90 3.74
C ILE A 106 -17.45 10.12 3.57
N GLN A 107 -17.81 9.89 2.32
CA GLN A 107 -18.95 9.10 1.92
C GLN A 107 -18.50 7.73 1.45
N PRO A 108 -19.38 6.72 1.47
CA PRO A 108 -19.01 5.42 0.93
C PRO A 108 -18.54 5.53 -0.50
N GLY A 109 -17.60 4.65 -0.87
CA GLY A 109 -16.91 4.72 -2.13
C GLY A 109 -15.60 5.48 -2.09
N GLN A 110 -15.43 6.36 -1.10
CA GLN A 110 -14.19 7.11 -0.97
C GLN A 110 -13.07 6.21 -0.49
N THR A 111 -11.85 6.49 -0.95
CA THR A 111 -10.66 5.74 -0.57
C THR A 111 -9.79 6.56 0.35
N PHE A 112 -8.91 5.86 1.07
CA PHE A 112 -7.96 6.51 1.97
C PHE A 112 -6.92 5.48 2.39
N SER A 113 -5.79 5.98 2.90
CA SER A 113 -4.70 5.15 3.37
C SER A 113 -4.82 4.97 4.88
N VAL A 114 -4.52 3.76 5.35
CA VAL A 114 -4.58 3.41 6.77
C VAL A 114 -3.18 3.11 7.26
N LEU A 115 -2.80 3.77 8.37
CA LEU A 115 -1.54 3.49 9.04
C LEU A 115 -1.85 2.65 10.27
N ALA A 116 -1.75 1.34 10.11
CA ALA A 116 -2.02 0.43 11.22
C ALA A 116 -0.92 0.54 12.27
N CYS A 117 -1.32 0.76 13.52
CA CYS A 117 -0.38 0.98 14.62
C CYS A 117 -0.73 0.09 15.80
N TYR A 118 0.29 -0.20 16.61
CA TYR A 118 0.13 -0.95 17.84
C TYR A 118 1.07 -0.35 18.88
N ASN A 119 0.53 -0.01 20.04
CA ASN A 119 1.29 0.61 21.13
C ASN A 119 1.96 1.91 20.68
N GLY A 120 1.31 2.64 19.78
CA GLY A 120 1.83 3.90 19.29
C GLY A 120 2.90 3.79 18.23
N SER A 121 3.20 2.58 17.75
CA SER A 121 4.23 2.40 16.74
C SER A 121 3.63 1.91 15.44
N PRO A 122 4.07 2.45 14.30
CA PRO A 122 3.51 2.02 13.02
C PRO A 122 3.88 0.57 12.70
N SER A 123 2.91 -0.17 12.19
CA SER A 123 3.12 -1.55 11.76
C SER A 123 3.04 -1.73 10.26
N GLY A 124 2.27 -0.90 9.56
CA GLY A 124 2.16 -1.00 8.12
C GLY A 124 1.15 0.00 7.61
N VAL A 125 1.22 0.24 6.30
CA VAL A 125 0.33 1.17 5.62
C VAL A 125 -0.35 0.45 4.47
N TYR A 126 -1.66 0.65 4.32
CA TYR A 126 -2.38 0.04 3.22
C TYR A 126 -3.54 0.95 2.80
N GLN A 127 -4.02 0.72 1.59
CA GLN A 127 -5.12 1.48 0.99
C GLN A 127 -6.43 0.75 1.22
N CYS A 128 -7.49 1.54 1.41
N CYS A 128 -7.50 1.52 1.40
CA CYS A 128 -8.80 1.05 1.81
CA CYS A 128 -8.80 0.90 1.60
C CYS A 128 -9.88 1.82 1.05
C CYS A 128 -9.90 1.91 1.26
N ALA A 129 -11.14 1.43 1.29
CA ALA A 129 -12.29 2.19 0.82
C ALA A 129 -13.42 2.06 1.83
N MET A 130 -14.18 3.14 1.99
CA MET A 130 -15.41 3.11 2.77
C MET A 130 -16.47 2.35 1.98
N ARG A 131 -16.81 1.15 2.45
CA ARG A 131 -17.78 0.33 1.74
C ARG A 131 -19.18 0.92 1.85
N PRO A 132 -20.08 0.57 0.92
CA PRO A 132 -21.45 1.10 0.99
C PRO A 132 -22.18 0.77 2.28
N ASN A 133 -21.79 -0.30 2.99
CA ASN A 133 -22.38 -0.61 4.28
C ASN A 133 -21.64 0.07 5.44
N PHE A 134 -20.81 1.07 5.13
CA PHE A 134 -20.15 1.92 6.12
C PHE A 134 -19.12 1.19 6.96
N THR A 135 -18.64 0.04 6.50
CA THR A 135 -17.52 -0.65 7.11
C THR A 135 -16.30 -0.51 6.21
N ILE A 136 -15.17 -0.97 6.71
CA ILE A 136 -13.96 -1.08 5.91
C ILE A 136 -13.39 -2.49 6.08
N LYS A 137 -12.73 -2.96 5.04
CA LYS A 137 -12.12 -4.29 5.04
C LYS A 137 -10.63 -4.10 5.32
N GLY A 138 -10.32 -3.81 6.57
CA GLY A 138 -8.96 -3.54 6.99
C GLY A 138 -8.24 -4.79 7.47
N SER A 139 -7.05 -4.56 8.02
CA SER A 139 -6.25 -5.60 8.65
C SER A 139 -5.90 -5.08 10.04
N PHE A 140 -6.66 -5.51 11.04
CA PHE A 140 -6.57 -4.95 12.39
C PHE A 140 -6.61 -6.07 13.42
N LEU A 141 -5.74 -5.95 14.42
CA LEU A 141 -5.70 -6.85 15.56
C LEU A 141 -6.01 -6.07 16.82
N ASN A 142 -6.11 -6.79 17.94
CA ASN A 142 -6.30 -6.13 19.22
C ASN A 142 -5.14 -5.19 19.51
N GLY A 143 -5.47 -3.98 19.94
CA GLY A 143 -4.50 -2.93 20.15
C GLY A 143 -4.37 -1.96 19.00
N SER A 144 -5.02 -2.24 17.86
CA SER A 144 -4.96 -1.36 16.70
C SER A 144 -5.90 -0.18 16.76
N ALA A 145 -6.79 -0.13 17.75
CA ALA A 145 -7.68 1.02 17.89
C ALA A 145 -6.87 2.30 18.05
N GLY A 146 -7.36 3.37 17.41
CA GLY A 146 -6.63 4.61 17.34
C GLY A 146 -5.90 4.83 16.03
N SER A 147 -5.60 3.76 15.29
CA SER A 147 -5.07 3.89 13.95
C SER A 147 -6.02 4.73 13.10
N VAL A 148 -5.45 5.54 12.22
CA VAL A 148 -6.24 6.51 11.47
C VAL A 148 -6.15 6.25 9.98
N GLY A 149 -7.21 6.61 9.27
CA GLY A 149 -7.22 6.63 7.83
C GLY A 149 -7.12 8.07 7.35
N PHE A 150 -6.46 8.26 6.21
CA PHE A 150 -6.13 9.62 5.80
C PHE A 150 -5.87 9.67 4.30
N ASN A 151 -5.94 10.89 3.78
CA ASN A 151 -5.49 11.23 2.44
C ASN A 151 -4.59 12.45 2.54
N ILE A 152 -3.59 12.51 1.67
CA ILE A 152 -2.73 13.69 1.63
C ILE A 152 -2.68 14.22 0.21
N ASP A 153 -3.84 14.64 -0.31
CA ASP A 153 -3.85 15.37 -1.56
C ASP A 153 -3.22 16.74 -1.35
N TYR A 154 -2.29 17.09 -2.24
CA TYR A 154 -1.57 18.38 -2.19
C TYR A 154 -0.76 18.42 -0.89
N ASP A 155 -0.79 19.53 -0.15
CA ASP A 155 0.09 19.72 0.99
C ASP A 155 -0.55 19.38 2.33
N CYS A 156 -1.85 19.09 2.36
CA CYS A 156 -2.59 18.96 3.60
C CYS A 156 -2.96 17.50 3.85
N VAL A 157 -2.82 17.08 5.10
CA VAL A 157 -3.23 15.74 5.54
C VAL A 157 -4.69 15.80 5.96
N SER A 158 -5.54 15.05 5.27
CA SER A 158 -6.97 15.02 5.57
C SER A 158 -7.28 13.73 6.33
N PHE A 159 -7.44 13.85 7.64
CA PHE A 159 -7.84 12.73 8.47
C PHE A 159 -9.33 12.47 8.31
N CYS A 160 -9.70 11.24 7.95
CA CYS A 160 -11.08 10.91 7.69
C CYS A 160 -11.61 9.73 8.49
N TYR A 161 -10.74 8.96 9.14
CA TYR A 161 -11.17 7.74 9.81
C TYR A 161 -10.28 7.49 11.02
N MET A 162 -10.91 7.06 12.12
CA MET A 162 -10.20 6.54 13.28
C MET A 162 -10.80 5.18 13.62
N HIS A 163 -9.95 4.17 13.80
CA HIS A 163 -10.42 2.81 13.98
C HIS A 163 -10.87 2.58 15.43
N HIS A 164 -11.91 1.77 15.58
CA HIS A 164 -12.49 1.51 16.90
C HIS A 164 -12.63 0.02 17.18
N MET A 165 -13.16 -0.75 16.23
CA MET A 165 -13.65 -2.07 16.57
C MET A 165 -13.79 -2.94 15.33
N GLU A 166 -13.91 -4.25 15.58
CA GLU A 166 -14.07 -5.25 14.53
C GLU A 166 -15.42 -5.94 14.67
N LEU A 167 -16.09 -6.16 13.54
CA LEU A 167 -17.40 -6.77 13.44
C LEU A 167 -17.28 -8.27 13.18
N PRO A 168 -18.36 -9.04 13.42
CA PRO A 168 -18.24 -10.51 13.36
C PRO A 168 -17.69 -11.06 12.05
N THR A 169 -17.96 -10.41 10.92
CA THR A 169 -17.46 -10.92 9.64
C THR A 169 -15.99 -10.59 9.41
N GLY A 170 -15.31 -9.96 10.36
CA GLY A 170 -13.93 -9.57 10.18
C GLY A 170 -13.74 -8.21 9.56
N VAL A 171 -14.82 -7.50 9.24
CA VAL A 171 -14.73 -6.13 8.73
C VAL A 171 -14.66 -5.20 9.93
N HIS A 172 -14.44 -3.91 9.69
CA HIS A 172 -14.11 -2.99 10.76
C HIS A 172 -14.95 -1.73 10.66
N ALA A 173 -15.21 -1.12 11.81
CA ALA A 173 -16.02 0.09 11.92
C ALA A 173 -15.27 1.13 12.73
N GLY A 174 -15.54 2.40 12.43
CA GLY A 174 -14.90 3.48 13.13
C GLY A 174 -15.65 4.79 12.94
N THR A 175 -15.01 5.86 13.39
CA THR A 175 -15.59 7.19 13.38
C THR A 175 -14.75 8.12 12.52
N ASP A 176 -15.29 9.31 12.26
CA ASP A 176 -14.47 10.40 11.77
C ASP A 176 -13.72 11.00 12.96
N LEU A 177 -12.91 12.02 12.70
CA LEU A 177 -12.11 12.61 13.76
C LEU A 177 -12.92 13.53 14.67
N GLU A 178 -14.23 13.59 14.48
CA GLU A 178 -15.13 14.25 15.43
C GLU A 178 -15.89 13.24 16.29
N GLY A 179 -15.54 11.97 16.21
CA GLY A 179 -16.16 10.94 17.02
C GLY A 179 -17.46 10.37 16.48
N ASN A 180 -17.91 10.81 15.32
CA ASN A 180 -19.17 10.34 14.74
C ASN A 180 -18.92 9.07 13.94
N PHE A 181 -19.58 7.98 14.35
CA PHE A 181 -19.39 6.70 13.70
C PHE A 181 -19.83 6.75 12.25
N TYR A 182 -19.12 6.03 11.40
CA TYR A 182 -19.61 5.72 10.07
C TYR A 182 -20.57 4.54 10.17
N GLY A 183 -21.83 4.75 9.80
CA GLY A 183 -22.83 3.72 9.86
C GLY A 183 -23.58 3.72 11.18
N PRO A 184 -24.44 2.72 11.38
CA PRO A 184 -25.27 2.68 12.59
C PRO A 184 -24.62 1.91 13.73
N PHE A 185 -23.30 1.87 13.76
CA PHE A 185 -22.58 1.10 14.76
C PHE A 185 -22.28 1.94 15.99
N VAL A 186 -22.08 1.26 17.12
CA VAL A 186 -21.80 1.90 18.40
C VAL A 186 -20.58 1.22 19.02
N ASP A 187 -19.83 1.97 19.83
CA ASP A 187 -18.65 1.43 20.49
C ASP A 187 -19.06 0.69 21.77
N ARG A 188 -19.82 -0.38 21.56
CA ARG A 188 -20.18 -1.33 22.59
C ARG A 188 -19.90 -2.74 22.07
N GLN A 189 -19.50 -3.63 22.96
CA GLN A 189 -19.28 -5.03 22.57
C GLN A 189 -20.57 -5.84 22.58
N THR A 190 -21.67 -5.22 22.16
CA THR A 190 -22.94 -5.91 21.98
C THR A 190 -23.02 -6.49 20.57
N ALA A 191 -24.06 -7.29 20.34
CA ALA A 191 -24.24 -7.93 19.04
C ALA A 191 -24.49 -6.89 17.95
N GLN A 192 -23.56 -6.77 17.01
CA GLN A 192 -23.67 -5.87 15.88
C GLN A 192 -23.34 -6.62 14.61
N ALA A 193 -23.87 -6.15 13.48
CA ALA A 193 -23.64 -6.82 12.22
C ALA A 193 -23.74 -5.81 11.08
N ALA A 194 -22.83 -5.93 10.11
CA ALA A 194 -22.87 -5.09 8.94
C ALA A 194 -23.94 -5.58 7.97
N GLY A 195 -24.58 -4.64 7.28
CA GLY A 195 -25.52 -4.99 6.25
C GLY A 195 -24.84 -5.60 5.04
N THR A 196 -25.66 -6.11 4.13
CA THR A 196 -25.13 -6.71 2.91
C THR A 196 -24.29 -5.71 2.14
N ASP A 197 -23.05 -6.09 1.84
CA ASP A 197 -22.13 -5.21 1.14
C ASP A 197 -22.37 -5.27 -0.35
N THR A 198 -22.26 -4.12 -1.01
CA THR A 198 -22.43 -4.02 -2.45
C THR A 198 -21.15 -3.49 -3.09
N THR A 199 -21.02 -3.73 -4.39
CA THR A 199 -19.86 -3.27 -5.13
C THR A 199 -20.03 -1.79 -5.50
N ILE A 200 -18.95 -1.03 -5.37
CA ILE A 200 -18.95 0.40 -5.70
C ILE A 200 -18.82 0.50 -7.22
N THR A 201 -19.95 0.69 -7.90
CA THR A 201 -19.99 0.60 -9.36
C THR A 201 -19.14 1.69 -10.01
N VAL A 202 -19.30 2.94 -9.55
CA VAL A 202 -18.55 4.04 -10.15
C VAL A 202 -17.05 3.81 -10.03
N ASN A 203 -16.61 3.09 -8.99
CA ASN A 203 -15.19 2.80 -8.83
C ASN A 203 -14.73 1.70 -9.79
N VAL A 204 -15.59 0.70 -10.04
CA VAL A 204 -15.25 -0.33 -11.02
C VAL A 204 -15.09 0.28 -12.40
N LEU A 205 -16.00 1.20 -12.76
CA LEU A 205 -15.92 1.83 -14.07
C LEU A 205 -14.66 2.68 -14.20
N ALA A 206 -14.31 3.43 -13.14
CA ALA A 206 -13.07 4.20 -13.15
C ALA A 206 -11.86 3.28 -13.33
N TRP A 207 -11.90 2.11 -12.69
CA TRP A 207 -10.80 1.15 -12.81
C TRP A 207 -10.75 0.51 -14.20
N LEU A 208 -11.90 0.34 -14.84
CA LEU A 208 -11.91 -0.10 -16.23
C LEU A 208 -11.30 0.96 -17.14
N TYR A 209 -11.56 2.23 -16.86
CA TYR A 209 -10.92 3.32 -17.60
C TYR A 209 -9.41 3.30 -17.40
N ALA A 210 -8.97 3.01 -16.17
CA ALA A 210 -7.54 2.90 -15.91
C ALA A 210 -6.92 1.76 -16.71
N ALA A 211 -7.66 0.67 -16.90
CA ALA A 211 -7.16 -0.42 -17.73
C ALA A 211 -7.03 0.02 -19.19
N VAL A 212 -8.00 0.78 -19.68
CA VAL A 212 -7.93 1.28 -21.06
C VAL A 212 -6.77 2.26 -21.19
N ILE A 213 -6.59 3.15 -20.21
CA ILE A 213 -5.47 4.08 -20.23
C ILE A 213 -4.15 3.31 -20.27
N ASN A 214 -4.09 2.19 -19.57
CA ASN A 214 -2.89 1.36 -19.53
C ASN A 214 -2.79 0.40 -20.71
N GLY A 215 -3.68 0.48 -21.69
CA GLY A 215 -3.56 -0.27 -22.92
C GLY A 215 -4.38 -1.54 -23.02
N ASP A 216 -5.18 -1.86 -22.00
CA ASP A 216 -6.03 -3.05 -22.05
C ASP A 216 -7.35 -2.70 -22.72
N ARG A 217 -7.77 -3.54 -23.67
CA ARG A 217 -9.00 -3.27 -24.41
C ARG A 217 -9.86 -4.51 -24.65
N TRP A 218 -9.42 -5.70 -24.23
CA TRP A 218 -10.10 -6.92 -24.61
C TRP A 218 -11.53 -7.00 -24.08
N PHE A 219 -11.87 -6.19 -23.07
CA PHE A 219 -13.19 -6.28 -22.45
C PHE A 219 -14.21 -5.32 -23.04
N LEU A 220 -13.79 -4.42 -23.93
CA LEU A 220 -14.72 -3.50 -24.55
C LEU A 220 -15.60 -4.23 -25.58
N ASN A 221 -16.76 -3.64 -25.88
CA ASN A 221 -17.66 -4.18 -26.88
C ASN A 221 -18.30 -3.03 -27.65
N ARG A 222 -19.03 -3.40 -28.70
CA ARG A 222 -19.68 -2.41 -29.57
C ARG A 222 -21.02 -1.93 -29.02
N PHE A 223 -21.45 -2.44 -27.87
CA PHE A 223 -22.77 -2.13 -27.34
C PHE A 223 -22.73 -0.88 -26.46
N THR A 224 -23.87 -0.21 -26.39
CA THR A 224 -24.14 0.81 -25.39
C THR A 224 -25.38 0.41 -24.62
N THR A 225 -25.68 1.14 -23.55
CA THR A 225 -26.84 0.81 -22.73
C THR A 225 -27.42 2.09 -22.15
N THR A 226 -28.70 2.01 -21.79
CA THR A 226 -29.31 3.08 -21.03
C THR A 226 -28.91 2.95 -19.56
N LEU A 227 -29.03 4.06 -18.83
CA LEU A 227 -28.70 4.04 -17.41
C LEU A 227 -29.64 3.12 -16.64
N ASN A 228 -30.92 3.11 -17.02
CA ASN A 228 -31.90 2.27 -16.33
C ASN A 228 -31.62 0.79 -16.57
N ASP A 229 -31.32 0.42 -17.82
CA ASP A 229 -31.04 -0.98 -18.13
C ASP A 229 -29.77 -1.45 -17.43
N PHE A 230 -28.72 -0.64 -17.45
CA PHE A 230 -27.50 -1.00 -16.74
C PHE A 230 -27.76 -1.19 -15.25
N ASN A 231 -28.57 -0.31 -14.66
CA ASN A 231 -28.89 -0.45 -13.24
C ASN A 231 -29.69 -1.71 -12.98
N LEU A 232 -30.70 -1.99 -13.80
CA LEU A 232 -31.48 -3.22 -13.63
C LEU A 232 -30.60 -4.46 -13.68
N VAL A 233 -29.52 -4.42 -14.47
CA VAL A 233 -28.57 -5.53 -14.49
C VAL A 233 -27.67 -5.48 -13.26
N ALA A 234 -27.23 -4.28 -12.87
CA ALA A 234 -26.23 -4.16 -11.81
C ALA A 234 -26.74 -4.70 -10.47
N MET A 235 -28.00 -4.39 -10.13
CA MET A 235 -28.53 -4.86 -8.86
C MET A 235 -28.57 -6.38 -8.80
N LYS A 236 -28.64 -7.05 -9.95
CA LYS A 236 -28.67 -8.51 -9.97
C LYS A 236 -27.35 -9.11 -9.51
N TYR A 237 -26.26 -8.34 -9.53
CA TYR A 237 -24.96 -8.78 -9.05
C TYR A 237 -24.55 -8.09 -7.76
N ASN A 238 -25.52 -7.53 -7.02
CA ASN A 238 -25.25 -6.77 -5.80
C ASN A 238 -24.31 -5.60 -6.06
N TYR A 239 -24.51 -4.92 -7.18
CA TYR A 239 -23.77 -3.70 -7.50
C TYR A 239 -24.60 -2.49 -7.09
N GLU A 240 -23.91 -1.46 -6.62
CA GLU A 240 -24.58 -0.21 -6.29
C GLU A 240 -25.16 0.40 -7.56
N PRO A 241 -26.34 1.03 -7.48
CA PRO A 241 -26.89 1.70 -8.66
C PRO A 241 -26.00 2.85 -9.09
N LEU A 242 -25.95 3.07 -10.40
CA LEU A 242 -25.20 4.19 -10.97
C LEU A 242 -26.13 5.38 -11.14
N THR A 243 -25.83 6.48 -10.46
CA THR A 243 -26.63 7.68 -10.55
C THR A 243 -26.09 8.61 -11.62
N GLN A 244 -26.91 9.61 -11.98
CA GLN A 244 -26.46 10.61 -12.95
C GLN A 244 -25.25 11.38 -12.45
N ASP A 245 -25.15 11.56 -11.12
CA ASP A 245 -23.95 12.18 -10.56
C ASP A 245 -22.71 11.35 -10.85
N HIS A 246 -22.82 10.02 -10.70
CA HIS A 246 -21.69 9.15 -11.02
C HIS A 246 -21.33 9.23 -12.50
N VAL A 247 -22.32 9.37 -13.37
CA VAL A 247 -22.05 9.51 -14.79
C VAL A 247 -21.26 10.77 -15.06
N ASP A 248 -21.62 11.88 -14.41
CA ASP A 248 -20.85 13.11 -14.56
C ASP A 248 -19.44 12.95 -13.99
N ILE A 249 -19.32 12.23 -12.88
CA ILE A 249 -18.02 12.06 -12.23
C ILE A 249 -17.04 11.35 -13.16
N LEU A 250 -17.53 10.40 -13.96
CA LEU A 250 -16.68 9.67 -14.90
C LEU A 250 -16.49 10.41 -16.21
N GLY A 251 -16.97 11.65 -16.31
CA GLY A 251 -16.86 12.44 -17.52
C GLY A 251 -15.44 12.64 -18.02
N PRO A 252 -14.55 13.18 -17.17
CA PRO A 252 -13.16 13.40 -17.63
C PRO A 252 -12.46 12.15 -18.11
N LEU A 253 -12.62 11.03 -17.39
CA LEU A 253 -12.02 9.77 -17.85
C LEU A 253 -12.61 9.35 -19.19
N SER A 254 -13.92 9.53 -19.36
CA SER A 254 -14.56 9.21 -20.64
C SER A 254 -14.01 10.09 -21.76
N ALA A 255 -13.74 11.36 -21.46
CA ALA A 255 -13.19 12.25 -22.48
C ALA A 255 -11.74 11.90 -22.81
N GLN A 256 -10.97 11.50 -21.78
CA GLN A 256 -9.57 11.15 -22.01
C GLN A 256 -9.44 9.89 -22.85
N THR A 257 -10.32 8.91 -22.64
CA THR A 257 -10.26 7.65 -23.35
C THR A 257 -11.11 7.63 -24.61
N GLY A 258 -11.99 8.61 -24.80
CA GLY A 258 -12.88 8.59 -25.94
C GLY A 258 -13.92 7.49 -25.88
N ILE A 259 -14.18 6.94 -24.71
CA ILE A 259 -15.20 5.91 -24.52
C ILE A 259 -16.29 6.48 -23.62
N ALA A 260 -17.49 6.58 -24.16
CA ALA A 260 -18.62 7.12 -23.40
C ALA A 260 -18.86 6.28 -22.15
N VAL A 261 -19.43 6.92 -21.13
CA VAL A 261 -19.67 6.24 -19.85
C VAL A 261 -20.63 5.07 -20.05
N LEU A 262 -21.74 5.30 -20.74
CA LEU A 262 -22.70 4.24 -20.98
C LEU A 262 -22.12 3.14 -21.88
N ASP A 263 -21.14 3.50 -22.73
CA ASP A 263 -20.40 2.49 -23.48
C ASP A 263 -19.60 1.60 -22.54
N MET A 264 -18.85 2.20 -21.61
CA MET A 264 -18.11 1.44 -20.61
C MET A 264 -19.05 0.63 -19.73
N CYS A 265 -20.26 1.16 -19.47
CA CYS A 265 -21.24 0.41 -18.69
C CYS A 265 -21.64 -0.87 -19.40
N ALA A 266 -21.79 -0.83 -20.73
CA ALA A 266 -22.18 -2.01 -21.48
C ALA A 266 -21.11 -3.10 -21.36
N SER A 267 -19.83 -2.72 -21.37
CA SER A 267 -18.78 -3.70 -21.21
C SER A 267 -18.71 -4.23 -19.79
N LEU A 268 -19.14 -3.43 -18.81
CA LEU A 268 -19.23 -3.93 -17.44
C LEU A 268 -20.35 -4.97 -17.31
N LYS A 269 -21.48 -4.73 -17.98
CA LYS A 269 -22.54 -5.73 -17.99
C LYS A 269 -22.07 -7.04 -18.58
N GLU A 270 -21.25 -6.99 -19.64
CA GLU A 270 -20.76 -8.20 -20.27
C GLU A 270 -19.75 -8.91 -19.37
N LEU A 271 -18.93 -8.16 -18.65
CA LEU A 271 -17.94 -8.78 -17.76
C LEU A 271 -18.63 -9.52 -16.62
N LEU A 272 -19.71 -8.94 -16.08
CA LEU A 272 -20.45 -9.62 -15.02
C LEU A 272 -21.09 -10.90 -15.53
N GLN A 273 -21.54 -10.90 -16.78
CA GLN A 273 -22.19 -12.08 -17.34
C GLN A 273 -21.19 -13.16 -17.73
N ASN A 274 -20.00 -12.77 -18.18
CA ASN A 274 -19.03 -13.72 -18.72
C ASN A 274 -17.93 -14.12 -17.74
N GLY A 275 -17.57 -13.24 -16.82
CA GLY A 275 -16.32 -13.41 -16.12
C GLY A 275 -15.16 -13.01 -17.01
N MET A 276 -13.95 -13.31 -16.56
CA MET A 276 -12.76 -12.93 -17.29
C MET A 276 -12.16 -14.07 -18.11
N ASN A 277 -12.58 -15.31 -17.86
CA ASN A 277 -12.23 -16.47 -18.69
C ASN A 277 -10.71 -16.59 -18.88
N GLY A 278 -10.01 -16.66 -17.75
CA GLY A 278 -8.58 -16.83 -17.76
C GLY A 278 -7.76 -15.57 -17.95
N ARG A 279 -8.40 -14.44 -18.24
N ARG A 279 -8.40 -14.45 -18.24
CA ARG A 279 -7.69 -13.19 -18.40
CA ARG A 279 -7.69 -13.19 -18.40
C ARG A 279 -7.70 -12.39 -17.10
C ARG A 279 -7.69 -12.40 -17.10
N THR A 280 -6.81 -11.40 -17.04
CA THR A 280 -6.73 -10.49 -15.91
C THR A 280 -6.84 -9.06 -16.41
N ILE A 281 -7.31 -8.18 -15.54
CA ILE A 281 -7.39 -6.75 -15.82
C ILE A 281 -6.52 -6.06 -14.78
N LEU A 282 -5.43 -5.44 -15.24
CA LEU A 282 -4.48 -4.77 -14.35
C LEU A 282 -4.04 -5.69 -13.21
N GLY A 283 -3.80 -6.95 -13.54
CA GLY A 283 -3.27 -7.89 -12.58
C GLY A 283 -4.27 -8.44 -11.58
N SER A 284 -5.55 -8.51 -11.95
N SER A 284 -5.55 -8.51 -11.95
CA SER A 284 -6.58 -9.02 -11.06
CA SER A 284 -6.58 -9.02 -11.07
C SER A 284 -7.63 -9.77 -11.86
C SER A 284 -7.61 -9.79 -11.87
N ALA A 285 -8.17 -10.83 -11.27
CA ALA A 285 -9.23 -11.62 -11.88
C ALA A 285 -10.60 -11.25 -11.34
N LEU A 286 -10.69 -10.25 -10.47
CA LEU A 286 -11.95 -9.70 -10.02
C LEU A 286 -12.03 -8.22 -10.41
N LEU A 287 -13.25 -7.71 -10.48
CA LEU A 287 -13.47 -6.31 -10.80
C LEU A 287 -13.19 -5.46 -9.56
N GLU A 288 -12.14 -4.65 -9.64
CA GLU A 288 -11.69 -3.85 -8.50
C GLU A 288 -12.61 -2.64 -8.30
N ASP A 289 -13.03 -2.40 -7.07
CA ASP A 289 -13.92 -1.30 -6.75
C ASP A 289 -13.38 -0.39 -5.66
N GLU A 290 -12.08 -0.40 -5.41
CA GLU A 290 -11.46 0.47 -4.41
C GLU A 290 -10.50 1.46 -5.07
N PHE A 291 -10.85 1.92 -6.27
CA PHE A 291 -10.18 3.02 -6.94
C PHE A 291 -11.24 4.01 -7.39
N THR A 292 -11.20 5.22 -6.86
CA THR A 292 -12.12 6.26 -7.29
C THR A 292 -11.67 6.85 -8.62
N PRO A 293 -12.57 7.54 -9.34
CA PRO A 293 -12.13 8.29 -10.53
C PRO A 293 -11.02 9.28 -10.21
N PHE A 294 -11.06 9.89 -9.02
CA PHE A 294 -9.97 10.75 -8.60
C PHE A 294 -8.66 9.98 -8.49
N ASP A 295 -8.72 8.76 -7.93
CA ASP A 295 -7.52 7.95 -7.80
C ASP A 295 -6.93 7.60 -9.16
N VAL A 296 -7.78 7.33 -10.15
CA VAL A 296 -7.31 6.93 -11.46
C VAL A 296 -6.53 8.06 -12.12
N VAL A 297 -7.11 9.27 -12.13
CA VAL A 297 -6.43 10.42 -12.71
C VAL A 297 -5.16 10.74 -11.93
N ARG A 298 -5.19 10.53 -10.61
N ARG A 298 -5.19 10.52 -10.61
CA ARG A 298 -4.01 10.81 -9.80
CA ARG A 298 -4.03 10.80 -9.78
C ARG A 298 -2.85 9.89 -10.18
C ARG A 298 -2.85 9.89 -10.15
N GLN A 299 -3.11 8.60 -10.31
CA GLN A 299 -2.04 7.64 -10.58
C GLN A 299 -1.60 7.63 -12.03
N CYS A 300 -2.49 7.98 -12.96
CA CYS A 300 -2.17 7.87 -14.38
C CYS A 300 -1.66 9.17 -14.99
N SER A 301 -2.02 10.31 -14.44
CA SER A 301 -1.66 11.59 -15.04
C SER A 301 -0.55 12.29 -14.26
N GLY A 302 -0.89 12.89 -13.12
CA GLY A 302 0.07 13.63 -12.34
C GLY A 302 0.08 13.28 -10.87
N VAL A 303 1.19 12.70 -10.40
CA VAL A 303 1.33 12.25 -9.02
C VAL A 303 2.35 13.15 -8.33
N THR A 304 1.96 13.67 -7.16
CA THR A 304 2.78 14.60 -6.38
C THR A 304 2.08 14.85 -5.06
N PHE A 305 2.84 15.27 -4.07
CA PHE A 305 2.29 15.50 -2.73
C PHE A 305 3.17 16.49 -1.96
N SER B 1 -8.64 -9.39 12.47
CA SER B 1 -8.86 -10.14 11.23
C SER B 1 -8.59 -9.26 10.02
N GLY B 2 -8.64 -9.86 8.84
CA GLY B 2 -8.36 -9.16 7.60
C GLY B 2 -6.92 -9.30 7.17
N PHE B 3 -6.71 -9.29 5.85
CA PHE B 3 -5.38 -9.41 5.28
C PHE B 3 -5.26 -8.45 4.11
N ARG B 4 -4.28 -7.55 4.18
CA ARG B 4 -4.06 -6.55 3.16
C ARG B 4 -2.60 -6.58 2.71
N LYS B 5 -2.37 -6.09 1.50
CA LYS B 5 -1.00 -5.93 0.99
C LYS B 5 -0.41 -4.70 1.67
N MET B 6 0.30 -4.94 2.77
CA MET B 6 0.81 -3.88 3.62
C MET B 6 2.20 -3.45 3.17
N ALA B 7 2.39 -2.15 2.99
CA ALA B 7 3.72 -1.61 2.79
C ALA B 7 4.30 -1.12 4.11
N PHE B 8 5.61 -1.01 4.16
CA PHE B 8 6.26 -0.49 5.35
C PHE B 8 5.96 1.01 5.50
N PRO B 9 5.94 1.51 6.73
CA PRO B 9 5.87 2.97 6.91
C PRO B 9 7.06 3.64 6.24
N SER B 10 6.78 4.71 5.50
CA SER B 10 7.76 5.33 4.63
C SER B 10 8.35 6.62 5.19
N GLY B 11 8.08 6.93 6.46
CA GLY B 11 8.51 8.20 7.02
C GLY B 11 10.01 8.39 6.95
N LYS B 12 10.77 7.38 7.36
CA LYS B 12 12.23 7.51 7.36
C LYS B 12 12.78 7.64 5.94
N VAL B 13 12.14 7.02 4.96
CA VAL B 13 12.59 7.14 3.58
C VAL B 13 12.18 8.49 2.99
N GLU B 14 10.99 8.98 3.38
CA GLU B 14 10.50 10.25 2.83
C GLU B 14 11.47 11.38 3.07
N GLY B 15 12.06 11.44 4.26
CA GLY B 15 13.01 12.47 4.62
C GLY B 15 14.35 12.39 3.90
N CYS B 16 14.51 11.45 2.97
CA CYS B 16 15.75 11.30 2.22
C CYS B 16 15.59 11.60 0.74
N MET B 17 14.37 11.80 0.25
CA MET B 17 14.14 11.99 -1.18
C MET B 17 14.41 13.44 -1.56
N VAL B 18 15.25 13.64 -2.58
CA VAL B 18 15.59 14.96 -3.09
C VAL B 18 15.45 14.93 -4.61
N GLN B 19 15.50 16.12 -5.21
CA GLN B 19 15.43 16.26 -6.65
C GLN B 19 16.82 16.52 -7.22
N VAL B 20 17.15 15.82 -8.30
CA VAL B 20 18.40 16.03 -9.03
C VAL B 20 18.05 16.43 -10.46
N THR B 21 18.68 17.49 -10.94
CA THR B 21 18.44 18.00 -12.28
C THR B 21 19.77 18.27 -12.97
N CYS B 22 19.93 17.72 -14.17
CA CYS B 22 21.12 17.94 -14.99
C CYS B 22 20.63 18.40 -16.36
N GLY B 23 20.77 19.70 -16.63
CA GLY B 23 20.16 20.26 -17.83
C GLY B 23 18.66 20.29 -17.66
N THR B 24 17.94 19.76 -18.65
CA THR B 24 16.50 19.60 -18.58
C THR B 24 16.09 18.20 -18.11
N THR B 25 17.05 17.32 -17.87
CA THR B 25 16.78 15.98 -17.36
C THR B 25 16.73 16.03 -15.84
N THR B 26 15.59 15.62 -15.27
CA THR B 26 15.40 15.63 -13.84
C THR B 26 14.82 14.30 -13.38
N LEU B 27 15.14 13.95 -12.14
CA LEU B 27 14.65 12.72 -11.51
C LEU B 27 14.84 12.85 -10.00
N ASN B 28 14.65 11.74 -9.29
CA ASN B 28 14.73 11.72 -7.85
C ASN B 28 16.07 11.18 -7.38
N GLY B 29 16.52 11.68 -6.23
CA GLY B 29 17.76 11.22 -5.64
C GLY B 29 17.54 10.81 -4.19
N LEU B 30 18.44 9.96 -3.70
CA LEU B 30 18.39 9.46 -2.33
C LEU B 30 19.53 10.11 -1.55
N TRP B 31 19.16 10.99 -0.61
CA TRP B 31 20.13 11.80 0.14
C TRP B 31 20.41 11.10 1.47
N LEU B 32 21.57 10.45 1.55
CA LEU B 32 22.00 9.74 2.75
C LEU B 32 23.36 10.29 3.17
N ASP B 33 23.46 10.70 4.42
CA ASP B 33 24.66 11.38 4.95
C ASP B 33 24.97 12.55 4.03
N ASP B 34 26.19 12.65 3.48
CA ASP B 34 26.57 13.74 2.60
C ASP B 34 26.70 13.30 1.15
N VAL B 35 25.91 12.31 0.73
CA VAL B 35 25.93 11.80 -0.63
C VAL B 35 24.51 11.63 -1.14
N VAL B 36 24.26 12.06 -2.37
CA VAL B 36 22.98 11.87 -3.03
C VAL B 36 23.15 10.81 -4.11
N TYR B 37 22.33 9.76 -4.04
CA TYR B 37 22.35 8.68 -5.02
C TYR B 37 21.20 8.85 -6.00
N CYS B 38 21.47 8.64 -7.29
CA CYS B 38 20.46 8.80 -8.33
C CYS B 38 20.90 8.01 -9.55
N PRO B 39 19.97 7.63 -10.43
CA PRO B 39 20.35 6.92 -11.66
C PRO B 39 21.29 7.75 -12.51
N ARG B 40 22.27 7.07 -13.11
CA ARG B 40 23.30 7.77 -13.88
C ARG B 40 22.75 8.39 -15.16
N HIS B 41 21.57 7.94 -15.64
CA HIS B 41 21.08 8.53 -16.88
C HIS B 41 20.53 9.94 -16.69
N VAL B 42 20.71 10.55 -15.52
CA VAL B 42 20.35 11.95 -15.32
C VAL B 42 21.24 12.87 -16.16
N ILE B 43 22.44 12.41 -16.53
CA ILE B 43 23.31 13.21 -17.40
C ILE B 43 22.96 13.04 -18.87
N CYS B 44 21.98 12.20 -19.21
CA CYS B 44 21.58 12.01 -20.59
C CYS B 44 20.59 13.07 -21.02
N THR B 45 20.79 13.59 -22.24
CA THR B 45 19.72 14.28 -22.93
C THR B 45 18.84 13.25 -23.65
N SER B 46 17.79 13.73 -24.32
CA SER B 46 16.90 12.80 -25.00
C SER B 46 17.62 12.07 -26.13
N GLU B 47 18.47 12.78 -26.87
CA GLU B 47 19.20 12.14 -27.97
C GLU B 47 20.27 11.18 -27.46
N ASP B 48 20.69 11.30 -26.19
CA ASP B 48 21.75 10.47 -25.66
C ASP B 48 21.29 9.08 -25.24
N MET B 49 20.00 8.91 -24.95
CA MET B 49 19.53 7.67 -24.34
C MET B 49 19.36 6.50 -25.32
N LEU B 50 19.63 6.70 -26.61
CA LEU B 50 19.58 5.57 -27.54
C LEU B 50 20.79 4.67 -27.36
N ASN B 51 22.00 5.25 -27.34
CA ASN B 51 23.22 4.49 -27.09
C ASN B 51 24.19 5.37 -26.31
N PRO B 52 23.91 5.57 -25.02
CA PRO B 52 24.74 6.49 -24.23
C PRO B 52 26.08 5.88 -23.86
N ASN B 53 27.11 6.72 -23.88
CA ASN B 53 28.43 6.40 -23.35
C ASN B 53 28.57 7.16 -22.04
N TYR B 54 28.19 6.50 -20.94
CA TYR B 54 28.11 7.18 -19.65
C TYR B 54 29.49 7.65 -19.18
N GLU B 55 30.52 6.84 -19.41
CA GLU B 55 31.87 7.26 -19.06
C GLU B 55 32.24 8.56 -19.75
N ASP B 56 31.88 8.69 -21.03
CA ASP B 56 32.17 9.93 -21.76
C ASP B 56 31.23 11.06 -21.36
N LEU B 57 29.93 10.76 -21.20
CA LEU B 57 28.98 11.80 -20.83
C LEU B 57 29.32 12.42 -19.48
N LEU B 58 29.73 11.59 -18.51
CA LEU B 58 30.05 12.11 -17.19
C LEU B 58 31.35 12.91 -17.19
N ILE B 59 32.31 12.54 -18.04
CA ILE B 59 33.58 13.25 -18.06
C ILE B 59 33.41 14.69 -18.53
N ARG B 60 32.35 14.99 -19.28
CA ARG B 60 32.08 16.34 -19.74
C ARG B 60 31.34 17.18 -18.71
N LYS B 61 31.03 16.61 -17.55
CA LYS B 61 30.25 17.30 -16.53
C LYS B 61 31.11 17.58 -15.31
N SER B 62 30.82 18.69 -14.65
CA SER B 62 31.44 19.08 -13.40
C SER B 62 30.39 19.12 -12.29
N ASN B 63 30.83 19.49 -11.09
CA ASN B 63 29.92 19.56 -9.97
C ASN B 63 28.82 20.59 -10.19
N HIS B 64 29.15 21.70 -10.87
CA HIS B 64 28.17 22.75 -11.12
C HIS B 64 27.07 22.32 -12.08
N ASN B 65 27.25 21.20 -12.79
CA ASN B 65 26.25 20.72 -13.73
C ASN B 65 25.09 19.99 -13.05
N PHE B 66 25.10 19.87 -11.73
CA PHE B 66 24.10 19.10 -11.00
C PHE B 66 23.37 20.01 -10.05
N LEU B 67 22.06 20.14 -10.24
CA LEU B 67 21.19 20.92 -9.37
C LEU B 67 20.47 19.95 -8.43
N VAL B 68 20.83 19.99 -7.16
CA VAL B 68 20.25 19.12 -6.14
C VAL B 68 19.40 19.99 -5.21
N GLN B 69 18.10 19.75 -5.20
CA GLN B 69 17.16 20.51 -4.38
C GLN B 69 16.53 19.59 -3.35
N ALA B 70 16.69 19.94 -2.08
CA ALA B 70 16.05 19.24 -0.97
C ALA B 70 14.95 20.18 -0.44
N GLY B 71 13.78 20.11 -1.07
CA GLY B 71 12.73 21.06 -0.78
C GLY B 71 13.02 22.38 -1.46
N ASN B 72 12.94 23.46 -0.69
CA ASN B 72 13.28 24.79 -1.19
C ASN B 72 14.74 25.14 -0.99
N VAL B 73 15.58 24.17 -0.66
CA VAL B 73 17.00 24.39 -0.39
C VAL B 73 17.82 23.65 -1.43
N GLN B 74 18.76 24.35 -2.05
CA GLN B 74 19.69 23.73 -2.98
C GLN B 74 20.92 23.25 -2.23
N LEU B 75 21.32 22.01 -2.48
CA LEU B 75 22.51 21.44 -1.86
C LEU B 75 23.71 21.64 -2.78
N ARG B 76 24.78 22.22 -2.24
CA ARG B 76 25.98 22.46 -3.02
C ARG B 76 26.69 21.15 -3.30
N VAL B 77 26.92 20.85 -4.58
CA VAL B 77 27.59 19.63 -5.00
C VAL B 77 29.09 19.87 -4.98
N ILE B 78 29.81 19.08 -4.18
CA ILE B 78 31.25 19.23 -4.01
C ILE B 78 32.03 18.06 -4.61
N GLY B 79 31.35 17.12 -5.26
CA GLY B 79 32.03 16.00 -5.87
C GLY B 79 31.02 15.10 -6.54
N HIS B 80 31.52 14.34 -7.52
CA HIS B 80 30.66 13.43 -8.27
C HIS B 80 31.49 12.25 -8.75
N SER B 81 30.85 11.07 -8.78
CA SER B 81 31.48 9.86 -9.25
C SER B 81 30.39 8.87 -9.65
N MET B 82 30.79 7.86 -10.43
CA MET B 82 29.87 6.86 -10.96
C MET B 82 30.19 5.52 -10.34
N GLN B 83 29.17 4.87 -9.79
CA GLN B 83 29.27 3.49 -9.30
C GLN B 83 28.22 2.66 -10.03
N ASN B 84 28.66 1.85 -10.99
CA ASN B 84 27.78 1.03 -11.81
C ASN B 84 26.76 1.98 -12.46
N CYS B 85 25.46 1.70 -12.36
CA CYS B 85 24.44 2.52 -13.00
C CYS B 85 23.88 3.62 -12.10
N VAL B 86 24.55 3.91 -10.98
CA VAL B 86 24.09 4.92 -10.04
C VAL B 86 25.13 6.03 -9.96
N LEU B 87 24.67 7.27 -9.91
CA LEU B 87 25.51 8.45 -9.75
C LEU B 87 25.58 8.84 -8.28
N LYS B 88 26.77 9.18 -7.82
CA LYS B 88 27.01 9.57 -6.44
C LYS B 88 27.45 11.03 -6.41
N LEU B 89 26.61 11.88 -5.82
CA LEU B 89 26.87 13.32 -5.74
C LEU B 89 27.18 13.68 -4.30
N LYS B 90 28.44 14.01 -4.03
CA LYS B 90 28.84 14.46 -2.70
C LYS B 90 28.40 15.90 -2.51
N VAL B 91 27.68 16.16 -1.41
CA VAL B 91 27.22 17.50 -1.08
C VAL B 91 27.88 17.93 0.23
N ASP B 92 27.87 19.23 0.47
CA ASP B 92 28.55 19.81 1.62
C ASP B 92 27.73 19.75 2.90
N THR B 93 26.60 19.04 2.90
CA THR B 93 25.73 18.98 4.07
C THR B 93 25.24 17.55 4.25
N ALA B 94 25.49 16.99 5.42
CA ALA B 94 24.90 15.70 5.76
C ALA B 94 23.41 15.88 6.01
N ASN B 95 22.62 14.91 5.55
CA ASN B 95 21.18 14.97 5.75
C ASN B 95 20.85 14.83 7.23
N PRO B 96 20.26 15.84 7.86
CA PRO B 96 19.89 15.71 9.29
C PRO B 96 18.87 14.62 9.54
N LYS B 97 18.08 14.25 8.53
CA LYS B 97 17.07 13.20 8.67
C LYS B 97 17.58 11.84 8.22
N THR B 98 18.90 11.64 8.19
CA THR B 98 19.46 10.36 7.79
C THR B 98 19.08 9.30 8.82
N PRO B 99 18.41 8.23 8.43
CA PRO B 99 18.04 7.18 9.37
C PRO B 99 19.12 6.09 9.44
N LYS B 100 18.94 5.19 10.40
CA LYS B 100 19.76 3.98 10.43
C LYS B 100 19.43 3.14 9.22
N TYR B 101 20.42 2.94 8.34
CA TYR B 101 20.16 2.29 7.07
C TYR B 101 21.34 1.42 6.67
N LYS B 102 21.10 0.58 5.65
CA LYS B 102 22.14 -0.18 4.99
C LYS B 102 21.67 -0.53 3.59
N PHE B 103 22.62 -0.86 2.73
CA PHE B 103 22.33 -1.25 1.35
C PHE B 103 22.30 -2.78 1.28
N VAL B 104 21.19 -3.33 0.82
CA VAL B 104 20.98 -4.77 0.75
C VAL B 104 20.45 -5.12 -0.63
N ARG B 105 21.09 -6.07 -1.30
CA ARG B 105 20.59 -6.61 -2.56
C ARG B 105 19.69 -7.80 -2.25
N ILE B 106 18.48 -7.79 -2.79
CA ILE B 106 17.49 -8.80 -2.48
C ILE B 106 17.47 -9.86 -3.58
N GLN B 107 16.87 -10.99 -3.26
N GLN B 107 16.87 -11.01 -3.25
CA GLN B 107 16.70 -12.13 -4.14
CA GLN B 107 16.67 -12.19 -4.08
C GLN B 107 15.32 -12.12 -4.78
C GLN B 107 15.31 -12.11 -4.78
N PRO B 108 15.17 -12.72 -5.95
CA PRO B 108 13.85 -12.77 -6.59
C PRO B 108 12.86 -13.53 -5.73
N GLY B 109 11.62 -13.07 -5.73
CA GLY B 109 10.60 -13.60 -4.86
C GLY B 109 10.45 -12.86 -3.54
N GLN B 110 11.44 -12.05 -3.17
CA GLN B 110 11.33 -11.25 -1.96
C GLN B 110 10.53 -9.98 -2.22
N THR B 111 9.93 -9.46 -1.16
CA THR B 111 9.05 -8.30 -1.25
C THR B 111 9.70 -7.08 -0.59
N PHE B 112 9.17 -5.91 -0.93
CA PHE B 112 9.67 -4.64 -0.44
C PHE B 112 8.66 -3.55 -0.78
N SER B 113 8.78 -2.43 -0.09
CA SER B 113 7.91 -1.28 -0.30
C SER B 113 8.59 -0.29 -1.25
N VAL B 114 7.80 0.22 -2.20
CA VAL B 114 8.28 1.22 -3.15
C VAL B 114 7.71 2.57 -2.73
N LEU B 115 8.57 3.57 -2.61
CA LEU B 115 8.14 4.95 -2.40
C LEU B 115 8.34 5.69 -3.71
N ALA B 116 7.27 5.75 -4.51
CA ALA B 116 7.32 6.43 -5.80
C ALA B 116 7.35 7.93 -5.61
N CYS B 117 8.29 8.60 -6.30
CA CYS B 117 8.50 10.02 -6.11
C CYS B 117 8.60 10.72 -7.45
N TYR B 118 8.24 12.01 -7.46
CA TYR B 118 8.30 12.84 -8.65
C TYR B 118 8.77 14.23 -8.24
N ASN B 119 9.82 14.71 -8.91
CA ASN B 119 10.43 16.01 -8.59
C ASN B 119 10.93 16.04 -7.15
N GLY B 120 11.46 14.93 -6.67
CA GLY B 120 11.99 14.83 -5.32
C GLY B 120 10.95 14.73 -4.24
N SER B 121 9.65 14.70 -4.58
CA SER B 121 8.59 14.67 -3.60
C SER B 121 7.93 13.30 -3.60
N PRO B 122 7.84 12.62 -2.46
CA PRO B 122 7.13 11.34 -2.42
C PRO B 122 5.66 11.55 -2.77
N SER B 123 5.11 10.64 -3.57
CA SER B 123 3.70 10.74 -3.95
C SER B 123 2.89 9.52 -3.57
N GLY B 124 3.49 8.35 -3.51
CA GLY B 124 2.76 7.15 -3.14
C GLY B 124 3.70 6.06 -2.71
N VAL B 125 3.15 5.11 -1.95
CA VAL B 125 3.88 3.94 -1.49
C VAL B 125 3.04 2.70 -1.78
N TYR B 126 3.69 1.64 -2.24
CA TYR B 126 2.98 0.39 -2.49
C TYR B 126 3.92 -0.79 -2.29
N GLN B 127 3.35 -1.92 -1.89
CA GLN B 127 4.09 -3.15 -1.68
C GLN B 127 4.13 -3.96 -2.96
N CYS B 128 5.28 -4.57 -3.24
CA CYS B 128 5.46 -5.36 -4.44
C CYS B 128 6.54 -6.40 -4.20
N ALA B 129 6.64 -7.35 -5.12
CA ALA B 129 7.63 -8.41 -5.06
C ALA B 129 8.57 -8.31 -6.26
N MET B 130 9.82 -8.71 -6.04
CA MET B 130 10.78 -8.84 -7.12
C MET B 130 10.49 -10.16 -7.85
N ARG B 131 10.00 -10.07 -9.07
CA ARG B 131 9.59 -11.25 -9.81
C ARG B 131 10.78 -12.15 -10.09
N PRO B 132 10.54 -13.45 -10.29
CA PRO B 132 11.64 -14.37 -10.61
C PRO B 132 12.44 -13.96 -11.84
N ASN B 133 11.86 -13.19 -12.76
CA ASN B 133 12.60 -12.68 -13.91
C ASN B 133 13.24 -11.32 -13.63
N PHE B 134 13.32 -10.92 -12.35
CA PHE B 134 14.04 -9.73 -11.91
C PHE B 134 13.41 -8.44 -12.43
N THR B 135 12.10 -8.46 -12.71
CA THR B 135 11.36 -7.26 -13.03
C THR B 135 10.50 -6.86 -11.84
N ILE B 136 10.00 -5.63 -11.87
CA ILE B 136 9.06 -5.13 -10.88
C ILE B 136 7.79 -4.73 -11.63
N LYS B 137 6.66 -5.27 -11.20
CA LYS B 137 5.36 -4.87 -11.77
C LYS B 137 4.83 -3.68 -10.97
N GLY B 138 5.48 -2.53 -11.21
CA GLY B 138 5.22 -1.32 -10.47
C GLY B 138 4.24 -0.39 -11.17
N SER B 139 4.13 0.82 -10.61
CA SER B 139 3.31 1.88 -11.16
C SER B 139 4.20 3.11 -11.24
N PHE B 140 4.75 3.37 -12.43
CA PHE B 140 5.76 4.39 -12.62
C PHE B 140 5.48 5.19 -13.88
N LEU B 141 5.65 6.50 -13.78
CA LEU B 141 5.53 7.42 -14.92
C LEU B 141 6.86 8.13 -15.12
N ASN B 142 6.92 8.98 -16.14
CA ASN B 142 8.13 9.77 -16.37
C ASN B 142 8.39 10.68 -15.19
N GLY B 143 9.67 10.76 -14.79
CA GLY B 143 10.05 11.48 -13.61
C GLY B 143 10.10 10.65 -12.34
N SER B 144 9.67 9.38 -12.41
CA SER B 144 9.70 8.50 -11.25
C SER B 144 11.05 7.81 -11.06
N ALA B 145 11.98 7.98 -11.99
CA ALA B 145 13.31 7.39 -11.83
C ALA B 145 13.97 7.95 -10.58
N GLY B 146 14.69 7.10 -9.87
CA GLY B 146 15.26 7.46 -8.58
C GLY B 146 14.40 7.10 -7.40
N SER B 147 13.13 6.76 -7.61
CA SER B 147 12.32 6.19 -6.54
C SER B 147 12.99 4.93 -6.00
N VAL B 148 12.86 4.72 -4.70
CA VAL B 148 13.60 3.65 -4.04
C VAL B 148 12.63 2.65 -3.44
N GLY B 149 13.07 1.39 -3.40
CA GLY B 149 12.38 0.33 -2.69
C GLY B 149 13.16 -0.02 -1.43
N PHE B 150 12.43 -0.38 -0.38
CA PHE B 150 13.09 -0.58 0.91
C PHE B 150 12.34 -1.60 1.74
N ASN B 151 13.05 -2.14 2.72
CA ASN B 151 12.48 -2.94 3.79
C ASN B 151 12.92 -2.32 5.10
N ILE B 152 12.20 -2.63 6.17
CA ILE B 152 12.58 -2.22 7.53
C ILE B 152 12.86 -3.48 8.33
N ASP B 153 14.13 -3.70 8.67
CA ASP B 153 14.56 -4.83 9.47
C ASP B 153 14.87 -4.35 10.87
N TYR B 154 14.10 -4.83 11.85
CA TYR B 154 14.16 -4.32 13.22
C TYR B 154 13.91 -2.81 13.23
N ASP B 155 14.96 -2.02 13.42
CA ASP B 155 14.86 -0.57 13.39
C ASP B 155 15.72 0.05 12.28
N CYS B 156 16.18 -0.75 11.33
CA CYS B 156 17.09 -0.31 10.29
C CYS B 156 16.37 -0.31 8.94
N VAL B 157 16.56 0.76 8.18
CA VAL B 157 16.01 0.84 6.83
C VAL B 157 16.95 0.11 5.87
N SER B 158 16.41 -0.85 5.13
CA SER B 158 17.20 -1.64 4.19
C SER B 158 16.82 -1.22 2.77
N PHE B 159 17.61 -0.32 2.19
CA PHE B 159 17.38 0.09 0.82
C PHE B 159 17.81 -1.02 -0.12
N CYS B 160 16.91 -1.43 -1.02
CA CYS B 160 17.16 -2.56 -1.89
C CYS B 160 16.91 -2.31 -3.37
N TYR B 161 16.30 -1.19 -3.74
CA TYR B 161 15.93 -0.98 -5.13
C TYR B 161 15.92 0.52 -5.43
N MET B 162 16.40 0.88 -6.61
CA MET B 162 16.25 2.22 -7.16
C MET B 162 15.72 2.10 -8.57
N HIS B 163 14.68 2.87 -8.89
CA HIS B 163 13.99 2.73 -10.16
C HIS B 163 14.74 3.45 -11.27
N HIS B 164 14.79 2.82 -12.44
CA HIS B 164 15.47 3.39 -13.61
C HIS B 164 14.53 3.52 -14.81
N MET B 165 13.94 2.42 -15.28
CA MET B 165 13.32 2.39 -16.60
C MET B 165 12.06 1.53 -16.58
N GLU B 166 11.31 1.62 -17.67
CA GLU B 166 10.13 0.79 -17.90
C GLU B 166 10.34 -0.03 -19.17
N LEU B 167 10.05 -1.32 -19.09
CA LEU B 167 10.20 -2.20 -20.23
C LEU B 167 8.97 -2.13 -21.13
N PRO B 168 9.11 -2.53 -22.41
CA PRO B 168 7.98 -2.40 -23.34
C PRO B 168 6.71 -3.11 -22.90
N THR B 169 6.81 -4.15 -22.09
CA THR B 169 5.63 -4.86 -21.63
C THR B 169 4.88 -4.10 -20.53
N GLY B 170 5.43 -3.00 -20.03
CA GLY B 170 4.83 -2.27 -18.94
C GLY B 170 5.39 -2.60 -17.57
N VAL B 171 6.26 -3.60 -17.47
CA VAL B 171 6.94 -3.92 -16.22
C VAL B 171 8.15 -3.02 -16.09
N HIS B 172 8.81 -3.05 -14.93
CA HIS B 172 9.83 -2.06 -14.62
C HIS B 172 11.12 -2.75 -14.19
N ALA B 173 12.23 -2.05 -14.43
CA ALA B 173 13.56 -2.55 -14.13
C ALA B 173 14.36 -1.49 -13.39
N GLY B 174 15.27 -1.94 -12.55
CA GLY B 174 16.09 -1.04 -11.78
C GLY B 174 17.30 -1.74 -11.21
N THR B 175 18.01 -1.03 -10.35
CA THR B 175 19.25 -1.51 -9.76
C THR B 175 19.12 -1.57 -8.24
N ASP B 176 20.11 -2.17 -7.60
CA ASP B 176 20.26 -1.98 -6.16
C ASP B 176 20.88 -0.60 -5.92
N LEU B 177 21.06 -0.25 -4.65
CA LEU B 177 21.62 1.06 -4.34
C LEU B 177 23.12 1.13 -4.61
N GLU B 178 23.73 0.02 -5.02
CA GLU B 178 25.11 0.01 -5.47
C GLU B 178 25.22 0.12 -6.99
N GLY B 179 24.10 0.28 -7.69
CA GLY B 179 24.09 0.45 -9.12
C GLY B 179 23.99 -0.81 -9.95
N ASN B 180 23.96 -1.97 -9.31
CA ASN B 180 23.92 -3.24 -10.03
C ASN B 180 22.48 -3.54 -10.44
N PHE B 181 22.27 -3.74 -11.74
CA PHE B 181 20.93 -3.98 -12.25
C PHE B 181 20.36 -5.29 -11.73
N TYR B 182 19.06 -5.28 -11.46
CA TYR B 182 18.30 -6.50 -11.23
C TYR B 182 17.85 -7.01 -12.60
N GLY B 183 18.41 -8.15 -13.02
CA GLY B 183 18.03 -8.75 -14.28
C GLY B 183 18.90 -8.34 -15.44
N PRO B 184 18.73 -9.02 -16.57
CA PRO B 184 19.59 -8.79 -17.75
C PRO B 184 19.18 -7.57 -18.54
N PHE B 185 19.25 -6.41 -17.91
CA PHE B 185 18.81 -5.16 -18.51
C PHE B 185 19.93 -4.13 -18.47
N VAL B 186 19.85 -3.18 -19.40
CA VAL B 186 20.80 -2.08 -19.48
C VAL B 186 20.00 -0.78 -19.58
N ASP B 187 20.57 0.30 -19.01
CA ASP B 187 19.87 1.58 -18.95
C ASP B 187 20.11 2.35 -20.25
N ARG B 188 19.33 1.98 -21.26
CA ARG B 188 19.27 2.72 -22.51
C ARG B 188 17.94 2.40 -23.18
N GLN B 189 17.54 3.28 -24.10
CA GLN B 189 16.21 3.20 -24.72
C GLN B 189 16.30 2.37 -25.99
N THR B 190 16.42 1.05 -25.81
CA THR B 190 16.44 0.09 -26.88
C THR B 190 15.44 -1.01 -26.60
N ALA B 191 15.22 -1.87 -27.59
CA ALA B 191 14.32 -3.00 -27.43
C ALA B 191 14.91 -3.98 -26.42
N GLN B 192 14.18 -4.24 -25.35
CA GLN B 192 14.62 -5.16 -24.31
C GLN B 192 13.42 -5.96 -23.82
N ALA B 193 13.60 -7.27 -23.71
CA ALA B 193 12.55 -8.16 -23.24
C ALA B 193 13.04 -8.90 -22.01
N ALA B 194 12.13 -9.12 -21.07
CA ALA B 194 12.45 -9.88 -19.86
C ALA B 194 12.23 -11.36 -20.12
N GLY B 195 12.92 -12.18 -19.33
CA GLY B 195 12.70 -13.62 -19.37
C GLY B 195 11.29 -13.98 -18.96
N THR B 196 10.94 -15.23 -19.21
CA THR B 196 9.62 -15.73 -18.83
C THR B 196 9.44 -15.60 -17.31
N ASP B 197 8.35 -14.96 -16.91
CA ASP B 197 8.06 -14.78 -15.49
C ASP B 197 7.30 -15.98 -14.95
N THR B 198 7.68 -16.40 -13.75
CA THR B 198 7.06 -17.54 -13.08
C THR B 198 6.39 -17.06 -11.79
N THR B 199 5.68 -17.97 -11.14
CA THR B 199 4.97 -17.69 -9.91
C THR B 199 5.82 -18.09 -8.72
N ILE B 200 6.00 -17.18 -7.77
CA ILE B 200 6.75 -17.44 -6.56
C ILE B 200 5.98 -18.42 -5.69
N THR B 201 6.34 -19.70 -5.78
CA THR B 201 5.52 -20.75 -5.18
C THR B 201 5.47 -20.65 -3.67
N VAL B 202 6.61 -20.39 -3.03
CA VAL B 202 6.64 -20.32 -1.57
C VAL B 202 5.76 -19.18 -1.07
N ASN B 203 5.63 -18.11 -1.86
CA ASN B 203 4.78 -16.99 -1.46
C ASN B 203 3.30 -17.37 -1.54
N VAL B 204 2.92 -18.13 -2.57
CA VAL B 204 1.54 -18.60 -2.67
C VAL B 204 1.17 -19.43 -1.46
N LEU B 205 2.07 -20.33 -1.05
CA LEU B 205 1.81 -21.17 0.12
C LEU B 205 1.67 -20.33 1.38
N ALA B 206 2.59 -19.38 1.57
CA ALA B 206 2.49 -18.47 2.71
C ALA B 206 1.18 -17.69 2.67
N TRP B 207 0.76 -17.28 1.47
CA TRP B 207 -0.51 -16.58 1.34
C TRP B 207 -1.69 -17.50 1.63
N LEU B 208 -1.58 -18.78 1.24
CA LEU B 208 -2.63 -19.74 1.58
C LEU B 208 -2.70 -19.97 3.08
N TYR B 209 -1.56 -19.92 3.77
CA TYR B 209 -1.58 -20.02 5.23
C TYR B 209 -2.27 -18.82 5.85
N ALA B 210 -2.06 -17.63 5.28
CA ALA B 210 -2.73 -16.43 5.79
C ALA B 210 -4.24 -16.55 5.63
N ALA B 211 -4.70 -17.20 4.57
CA ALA B 211 -6.14 -17.38 4.39
C ALA B 211 -6.72 -18.32 5.43
N VAL B 212 -6.01 -19.41 5.74
CA VAL B 212 -6.46 -20.33 6.77
C VAL B 212 -6.55 -19.62 8.12
N ILE B 213 -5.56 -18.77 8.43
CA ILE B 213 -5.57 -18.00 9.66
C ILE B 213 -6.80 -17.10 9.72
N ASN B 214 -7.27 -16.63 8.56
CA ASN B 214 -8.44 -15.75 8.50
C ASN B 214 -9.73 -16.51 8.23
N GLY B 215 -9.71 -17.84 8.23
CA GLY B 215 -10.92 -18.64 8.17
C GLY B 215 -11.23 -19.25 6.82
N ASP B 216 -10.46 -18.93 5.78
CA ASP B 216 -10.65 -19.52 4.47
C ASP B 216 -10.07 -20.93 4.48
N ARG B 217 -10.92 -21.95 4.38
CA ARG B 217 -10.50 -23.32 4.56
C ARG B 217 -10.96 -24.28 3.46
N TRP B 218 -11.71 -23.80 2.46
CA TRP B 218 -12.35 -24.72 1.52
C TRP B 218 -11.33 -25.46 0.66
N PHE B 219 -10.17 -24.85 0.40
CA PHE B 219 -9.19 -25.45 -0.49
C PHE B 219 -8.39 -26.57 0.17
N LEU B 220 -8.53 -26.77 1.48
CA LEU B 220 -7.83 -27.85 2.15
C LEU B 220 -8.40 -29.20 1.73
N ASN B 221 -7.57 -30.23 1.84
CA ASN B 221 -7.99 -31.59 1.52
C ASN B 221 -7.20 -32.57 2.37
N ARG B 222 -7.63 -33.84 2.31
CA ARG B 222 -7.01 -34.90 3.11
C ARG B 222 -5.66 -35.33 2.58
N PHE B 223 -5.30 -34.94 1.37
CA PHE B 223 -4.13 -35.50 0.70
C PHE B 223 -2.88 -34.69 1.01
N THR B 224 -1.73 -35.34 0.81
CA THR B 224 -0.42 -34.71 0.84
C THR B 224 0.30 -35.04 -0.45
N THR B 225 1.55 -34.59 -0.56
CA THR B 225 2.34 -34.84 -1.76
C THR B 225 3.81 -34.85 -1.37
N THR B 226 4.67 -34.96 -2.38
CA THR B 226 6.11 -34.88 -2.20
C THR B 226 6.64 -33.69 -2.99
N LEU B 227 7.85 -33.25 -2.62
CA LEU B 227 8.47 -32.13 -3.33
C LEU B 227 8.68 -32.46 -4.79
N ASN B 228 9.12 -33.69 -5.09
CA ASN B 228 9.34 -34.09 -6.48
C ASN B 228 8.03 -34.15 -7.24
N ASP B 229 6.98 -34.70 -6.63
CA ASP B 229 5.69 -34.78 -7.31
C ASP B 229 5.11 -33.40 -7.56
N PHE B 230 5.21 -32.51 -6.57
CA PHE B 230 4.70 -31.15 -6.75
C PHE B 230 5.51 -30.39 -7.79
N ASN B 231 6.84 -30.48 -7.72
CA ASN B 231 7.68 -29.72 -8.64
C ASN B 231 7.48 -30.15 -10.08
N LEU B 232 7.14 -31.43 -10.30
CA LEU B 232 6.84 -31.89 -11.65
C LEU B 232 5.58 -31.22 -12.19
N VAL B 233 4.58 -31.02 -11.33
CA VAL B 233 3.37 -30.32 -11.73
C VAL B 233 3.62 -28.82 -11.78
N ALA B 234 4.36 -28.29 -10.81
CA ALA B 234 4.57 -26.85 -10.72
C ALA B 234 5.29 -26.31 -11.95
N MET B 235 6.36 -27.00 -12.37
CA MET B 235 7.13 -26.52 -13.53
C MET B 235 6.29 -26.50 -14.80
N LYS B 236 5.28 -27.37 -14.88
CA LYS B 236 4.41 -27.38 -16.05
C LYS B 236 3.46 -26.19 -16.07
N TYR B 237 3.18 -25.59 -14.91
CA TYR B 237 2.33 -24.42 -14.82
C TYR B 237 3.12 -23.13 -14.61
N ASN B 238 4.41 -23.13 -14.96
CA ASN B 238 5.29 -21.97 -14.79
C ASN B 238 5.34 -21.51 -13.33
N TYR B 239 5.55 -22.46 -12.44
CA TYR B 239 5.72 -22.19 -11.02
C TYR B 239 7.16 -22.48 -10.62
N GLU B 240 7.72 -21.60 -9.79
CA GLU B 240 9.08 -21.79 -9.33
C GLU B 240 9.17 -23.08 -8.53
N PRO B 241 10.28 -23.83 -8.63
CA PRO B 241 10.40 -25.06 -7.85
C PRO B 241 10.44 -24.76 -6.36
N LEU B 242 9.85 -25.66 -5.58
CA LEU B 242 9.88 -25.55 -4.13
C LEU B 242 11.06 -26.33 -3.58
N THR B 243 11.83 -25.69 -2.70
CA THR B 243 13.02 -26.29 -2.13
C THR B 243 12.77 -26.66 -0.67
N GLN B 244 13.73 -27.41 -0.11
CA GLN B 244 13.64 -27.76 1.30
C GLN B 244 13.76 -26.54 2.20
N ASP B 245 14.52 -25.54 1.77
CA ASP B 245 14.60 -24.30 2.53
C ASP B 245 13.27 -23.56 2.54
N HIS B 246 12.53 -23.61 1.42
CA HIS B 246 11.19 -23.04 1.39
C HIS B 246 10.29 -23.72 2.42
N VAL B 247 10.40 -25.05 2.54
CA VAL B 247 9.57 -25.78 3.50
C VAL B 247 9.93 -25.38 4.91
N ASP B 248 11.22 -25.33 5.23
CA ASP B 248 11.66 -24.96 6.57
C ASP B 248 11.23 -23.53 6.91
N ILE B 249 11.33 -22.63 5.93
CA ILE B 249 10.95 -21.23 6.16
C ILE B 249 9.46 -21.11 6.44
N LEU B 250 8.65 -22.01 5.87
CA LEU B 250 7.22 -22.03 6.14
C LEU B 250 6.87 -22.71 7.46
N GLY B 251 7.86 -23.19 8.21
CA GLY B 251 7.66 -23.90 9.44
C GLY B 251 6.75 -23.21 10.45
N PRO B 252 7.03 -21.94 10.77
CA PRO B 252 6.16 -21.22 11.72
C PRO B 252 4.70 -21.19 11.31
N LEU B 253 4.41 -21.06 10.01
CA LEU B 253 3.01 -21.09 9.58
C LEU B 253 2.45 -22.51 9.55
N SER B 254 3.32 -23.51 9.33
CA SER B 254 2.88 -24.90 9.35
C SER B 254 2.44 -25.31 10.76
N ALA B 255 3.19 -24.89 11.78
CA ALA B 255 2.87 -25.27 13.15
C ALA B 255 1.72 -24.45 13.72
N GLN B 256 1.61 -23.18 13.34
N GLN B 256 1.61 -23.18 13.34
CA GLN B 256 0.56 -22.32 13.87
CA GLN B 256 0.55 -22.33 13.88
C GLN B 256 -0.82 -22.77 13.38
C GLN B 256 -0.82 -22.77 13.38
N THR B 257 -0.91 -23.16 12.10
CA THR B 257 -2.17 -23.56 11.51
C THR B 257 -2.44 -25.06 11.61
N GLY B 258 -1.43 -25.85 11.99
CA GLY B 258 -1.63 -27.28 12.04
C GLY B 258 -1.77 -27.95 10.70
N ILE B 259 -1.30 -27.30 9.63
CA ILE B 259 -1.34 -27.86 8.28
C ILE B 259 0.10 -27.98 7.79
N ALA B 260 0.55 -29.21 7.56
CA ALA B 260 1.90 -29.43 7.07
C ALA B 260 2.09 -28.79 5.71
N VAL B 261 3.34 -28.41 5.42
CA VAL B 261 3.64 -27.70 4.17
C VAL B 261 3.31 -28.59 2.98
N LEU B 262 3.59 -29.89 3.08
CA LEU B 262 3.27 -30.80 1.98
C LEU B 262 1.76 -31.01 1.85
N ASP B 263 1.02 -30.87 2.96
CA ASP B 263 -0.43 -30.87 2.88
C ASP B 263 -0.95 -29.66 2.11
N MET B 264 -0.42 -28.47 2.44
CA MET B 264 -0.76 -27.27 1.68
C MET B 264 -0.37 -27.41 0.22
N CYS B 265 0.81 -27.99 -0.05
CA CYS B 265 1.22 -28.21 -1.43
C CYS B 265 0.22 -29.06 -2.20
N ALA B 266 -0.39 -30.04 -1.52
CA ALA B 266 -1.42 -30.84 -2.15
C ALA B 266 -2.62 -30.00 -2.54
N SER B 267 -3.01 -29.05 -1.69
CA SER B 267 -4.06 -28.10 -2.06
C SER B 267 -3.63 -27.23 -3.22
N LEU B 268 -2.37 -26.75 -3.19
CA LEU B 268 -1.87 -25.91 -4.27
C LEU B 268 -1.82 -26.67 -5.59
N LYS B 269 -1.39 -27.93 -5.55
CA LYS B 269 -1.39 -28.74 -6.76
C LYS B 269 -2.80 -28.83 -7.34
N GLU B 270 -3.79 -29.05 -6.48
CA GLU B 270 -5.17 -29.16 -6.95
C GLU B 270 -5.67 -27.84 -7.53
N LEU B 271 -5.32 -26.72 -6.91
CA LEU B 271 -5.73 -25.43 -7.43
C LEU B 271 -5.09 -25.12 -8.78
N LEU B 272 -3.97 -25.75 -9.09
CA LEU B 272 -3.33 -25.54 -10.38
C LEU B 272 -3.95 -26.37 -11.49
N GLN B 273 -4.54 -27.52 -11.14
CA GLN B 273 -5.14 -28.39 -12.14
C GLN B 273 -6.63 -28.12 -12.32
N ASN B 274 -7.38 -28.01 -11.22
CA ASN B 274 -8.82 -27.82 -11.26
C ASN B 274 -9.26 -26.37 -11.12
N GLY B 275 -8.31 -25.43 -11.05
CA GLY B 275 -8.71 -24.07 -10.80
C GLY B 275 -9.16 -23.87 -9.36
N MET B 276 -9.85 -22.76 -9.13
CA MET B 276 -10.30 -22.39 -7.79
C MET B 276 -11.78 -22.68 -7.56
N ASN B 277 -12.36 -23.60 -8.31
CA ASN B 277 -13.72 -24.09 -8.10
C ASN B 277 -14.76 -22.97 -8.12
N GLY B 278 -14.46 -21.86 -8.78
CA GLY B 278 -15.39 -20.75 -8.82
C GLY B 278 -15.49 -19.96 -7.54
N ARG B 279 -14.51 -20.09 -6.65
CA ARG B 279 -14.50 -19.42 -5.36
C ARG B 279 -13.36 -18.41 -5.31
N THR B 280 -13.24 -17.75 -4.16
CA THR B 280 -12.16 -16.80 -3.93
C THR B 280 -11.43 -17.16 -2.64
N ILE B 281 -10.20 -16.69 -2.53
CA ILE B 281 -9.37 -16.89 -1.35
C ILE B 281 -8.85 -15.52 -0.92
N LEU B 282 -9.20 -15.11 0.30
CA LEU B 282 -8.81 -13.80 0.84
C LEU B 282 -9.23 -12.68 -0.11
N GLY B 283 -10.43 -12.79 -0.66
CA GLY B 283 -10.95 -11.77 -1.55
C GLY B 283 -10.23 -11.67 -2.88
N SER B 284 -9.59 -12.74 -3.33
CA SER B 284 -8.89 -12.74 -4.61
C SER B 284 -9.24 -13.99 -5.40
N ALA B 285 -9.37 -13.83 -6.71
CA ALA B 285 -9.64 -14.94 -7.62
C ALA B 285 -8.37 -15.48 -8.26
N LEU B 286 -7.21 -14.96 -7.89
CA LEU B 286 -5.92 -15.47 -8.33
C LEU B 286 -5.14 -15.98 -7.14
N LEU B 287 -4.08 -16.74 -7.43
CA LEU B 287 -3.15 -17.21 -6.40
C LEU B 287 -2.10 -16.12 -6.18
N GLU B 288 -2.22 -15.42 -5.06
CA GLU B 288 -1.37 -14.28 -4.77
C GLU B 288 0.02 -14.73 -4.33
N ASP B 289 1.06 -14.18 -4.96
CA ASP B 289 2.43 -14.58 -4.70
C ASP B 289 3.32 -13.41 -4.30
N GLU B 290 2.73 -12.36 -3.74
CA GLU B 290 3.50 -11.20 -3.28
C GLU B 290 3.52 -11.09 -1.75
N PHE B 291 3.29 -12.19 -1.05
CA PHE B 291 3.42 -12.24 0.41
C PHE B 291 4.43 -13.32 0.76
N THR B 292 5.58 -12.90 1.28
CA THR B 292 6.56 -13.86 1.76
C THR B 292 6.07 -14.49 3.07
N PRO B 293 6.65 -15.63 3.48
CA PRO B 293 6.28 -16.19 4.79
C PRO B 293 6.47 -15.20 5.94
N PHE B 294 7.56 -14.44 5.94
CA PHE B 294 7.76 -13.44 6.98
C PHE B 294 6.73 -12.32 6.89
N ASP B 295 6.26 -12.01 5.67
CA ASP B 295 5.20 -11.00 5.54
C ASP B 295 3.92 -11.44 6.24
N VAL B 296 3.59 -12.73 6.15
CA VAL B 296 2.39 -13.24 6.79
C VAL B 296 2.54 -13.23 8.31
N VAL B 297 3.71 -13.68 8.80
CA VAL B 297 3.97 -13.65 10.23
C VAL B 297 3.94 -12.22 10.75
N ARG B 298 4.51 -11.29 9.98
CA ARG B 298 4.53 -9.89 10.38
C ARG B 298 3.12 -9.33 10.55
N GLN B 299 2.29 -9.50 9.52
CA GLN B 299 0.96 -8.88 9.53
C GLN B 299 0.05 -9.53 10.56
N CYS B 300 0.09 -10.86 10.67
CA CYS B 300 -0.82 -11.58 11.55
C CYS B 300 -0.46 -11.46 13.02
N SER B 301 0.80 -11.10 13.34
CA SER B 301 1.21 -10.93 14.72
C SER B 301 1.36 -9.46 15.13
N GLY B 302 1.26 -8.52 14.19
CA GLY B 302 1.28 -7.11 14.52
C GLY B 302 2.65 -6.54 14.82
N VAL B 303 3.67 -6.97 14.09
CA VAL B 303 5.02 -6.47 14.30
C VAL B 303 5.08 -5.00 13.92
N THR B 304 5.67 -4.18 14.79
CA THR B 304 5.74 -2.74 14.60
C THR B 304 7.18 -2.30 14.44
N PHE B 305 7.35 -1.01 14.14
CA PHE B 305 8.67 -0.41 13.95
C PHE B 305 8.73 0.97 14.60
N THR C 1 -23.35 -12.30 17.11
CA THR C 1 -22.00 -12.25 17.67
C THR C 1 -21.65 -10.83 18.12
N SER C 2 -20.96 -10.74 19.25
CA SER C 2 -20.59 -9.44 19.80
C SER C 2 -19.50 -8.77 18.95
N ALA C 3 -19.60 -7.45 18.84
CA ALA C 3 -18.49 -6.69 18.30
C ALA C 3 -17.32 -6.69 19.29
N VAL C 4 -16.14 -6.40 18.77
CA VAL C 4 -14.91 -6.43 19.57
C VAL C 4 -14.24 -5.07 19.47
N LEU C 5 -14.20 -4.35 20.59
CA LEU C 5 -13.43 -3.11 20.65
C LEU C 5 -11.94 -3.47 20.68
N GLN C 6 -11.20 -3.00 19.69
CA GLN C 6 -9.83 -3.49 19.49
C GLN C 6 -8.78 -2.65 20.20
N SER C 7 -9.03 -2.40 21.49
CA SER C 7 -7.99 -1.91 22.37
C SER C 7 -7.06 -3.05 22.76
N GLY C 8 -5.95 -2.70 23.41
CA GLY C 8 -5.00 -3.70 23.85
C GLY C 8 -4.85 -3.77 25.36
N PHE C 9 -4.28 -4.87 25.85
CA PHE C 9 -4.01 -5.04 27.27
C PHE C 9 -2.56 -4.71 27.57
N ARG C 10 -2.34 -4.03 28.70
CA ARG C 10 -1.00 -3.64 29.11
C ARG C 10 -0.83 -3.90 30.60
N LYS C 11 0.24 -4.61 30.96
CA LYS C 11 0.49 -4.91 32.36
C LYS C 11 0.85 -3.64 33.12
N MET C 12 0.28 -3.50 34.31
CA MET C 12 0.50 -2.32 35.14
C MET C 12 1.76 -2.47 35.99
N THR D 1 9.46 -2.06 -29.96
CA THR D 1 9.27 -1.03 -28.95
C THR D 1 10.45 -1.01 -27.99
N SER D 2 10.92 0.18 -27.65
CA SER D 2 12.10 0.37 -26.82
C SER D 2 11.72 0.66 -25.38
N ALA D 3 12.61 0.29 -24.46
CA ALA D 3 12.42 0.65 -23.06
C ALA D 3 12.56 2.15 -22.88
N VAL D 4 11.99 2.66 -21.78
CA VAL D 4 11.92 4.09 -21.52
C VAL D 4 12.61 4.38 -20.19
N LEU D 5 13.72 5.14 -20.25
CA LEU D 5 14.36 5.64 -19.04
C LEU D 5 13.46 6.70 -18.42
N GLN D 6 12.87 6.38 -17.27
CA GLN D 6 11.74 7.16 -16.76
C GLN D 6 12.18 8.38 -15.95
N SER D 7 13.15 9.11 -16.47
CA SER D 7 13.42 10.45 -15.97
C SER D 7 12.34 11.40 -16.49
N GLY D 8 12.38 12.66 -16.04
CA GLY D 8 11.44 13.66 -16.47
C GLY D 8 12.13 14.80 -17.20
N PHE D 9 11.32 15.62 -17.88
CA PHE D 9 11.78 16.85 -18.50
C PHE D 9 11.41 18.01 -17.59
N ARG D 10 12.37 18.93 -17.41
CA ARG D 10 12.16 20.10 -16.58
C ARG D 10 12.70 21.32 -17.31
N LYS D 11 11.79 22.21 -17.71
CA LYS D 11 12.19 23.44 -18.40
C LYS D 11 13.02 24.30 -17.46
N MET D 12 14.22 24.65 -17.91
CA MET D 12 15.14 25.45 -17.09
C MET D 12 15.31 26.84 -17.68
#